data_5TZD
#
_entry.id   5TZD
#
_cell.length_a   108.300
_cell.length_b   108.300
_cell.length_c   49.660
_cell.angle_alpha   90.000
_cell.angle_beta   90.000
_cell.angle_gamma   120.000
#
_symmetry.space_group_name_H-M   'P 61'
#
loop_
_entity.id
_entity.type
_entity.pdbx_description
1 polymer 'DNA-binding protein'
2 non-polymer "9,9'-[(2R,3R,3aS,5S,7aR,9R,10R,10aS,12S,14aR)-3,5,10,12-tetrahydroxy-5,12-dioxidooctahydro-2H,7H-difuro[3,2-d:3',2'-j][1,3,7,9,2,8]tetraoxadiphosphacyclododecine-2,9-diyl]bis(2-amino-1,9-dihydro-6H-purin-6-one)"
3 water water
#
_entity_poly.entity_id   1
_entity_poly.type   'polypeptide(L)'
_entity_poly.pdbx_seq_one_letter_code
;GSHMEPPPKLVLDLERMAHVPQEKAGPLQRYAATIQSQRGDYNGKVLSIRQDDLRTLAVIYDQSPSVLTEQLISWGVLDA
DARRAVAHEEN
;
_entity_poly.pdbx_strand_id   J,B,C,A
#
loop_
_chem_comp.id
_chem_comp.type
_chem_comp.name
_chem_comp.formula
C2E non-polymer 9,9'-[(2R,3R,3aS,5S,7aR,9R,10R,10aS,12S,14aR)-3,5,10,12-tetrahydroxy-5,12-dioxidooctahydro-2H,7H-difuro[3,2-d:3',2'-j][1,3,7,9,2,8]tetraoxadiphosphacyclododecine-2,9-diyl]bis(2-amino-1,9-dihydro-6H-purin-6-one) 'C20 H24 N10 O14 P2'
#
# COMPACT_ATOMS: atom_id res chain seq x y z
N LYS A 9 -12.75 -11.32 -4.86
CA LYS A 9 -11.51 -12.09 -4.84
C LYS A 9 -10.81 -12.14 -6.20
N LEU A 10 -9.54 -11.76 -6.22
CA LEU A 10 -8.71 -11.76 -7.41
C LEU A 10 -7.81 -12.96 -7.29
N VAL A 11 -8.09 -14.02 -8.05
CA VAL A 11 -7.33 -15.25 -7.96
C VAL A 11 -6.71 -15.58 -9.31
N LEU A 12 -5.38 -15.73 -9.31
CA LEU A 12 -4.62 -15.95 -10.53
C LEU A 12 -4.45 -17.44 -10.67
N ASP A 13 -4.70 -17.93 -11.88
CA ASP A 13 -4.48 -19.33 -12.24
C ASP A 13 -3.06 -19.41 -12.80
N LEU A 14 -2.12 -19.94 -12.05
CA LEU A 14 -0.72 -19.92 -12.48
C LEU A 14 -0.46 -20.75 -13.73
N GLU A 15 -1.18 -21.86 -13.93
CA GLU A 15 -0.96 -22.69 -15.10
C GLU A 15 -1.26 -21.88 -16.37
N ARG A 16 -2.38 -21.14 -16.33
CA ARG A 16 -2.79 -20.34 -17.48
C ARG A 16 -1.80 -19.17 -17.63
N MET A 17 -1.21 -18.75 -16.53
CA MET A 17 -0.29 -17.63 -16.60
C MET A 17 0.91 -17.99 -17.48
N ALA A 18 1.23 -19.27 -17.58
CA ALA A 18 2.35 -19.70 -18.44
C ALA A 18 2.05 -19.50 -19.93
N HIS A 19 0.76 -19.36 -20.27
CA HIS A 19 0.29 -19.19 -21.66
C HIS A 19 -0.13 -17.77 -22.04
N VAL A 20 0.11 -16.79 -21.17
CA VAL A 20 -0.09 -15.42 -21.59
C VAL A 20 0.89 -15.16 -22.75
N PRO A 21 0.44 -14.43 -23.79
CA PRO A 21 1.35 -14.12 -24.89
C PRO A 21 2.71 -13.63 -24.39
N GLN A 22 3.80 -14.18 -24.93
CA GLN A 22 5.15 -13.92 -24.38
C GLN A 22 5.50 -12.42 -24.26
N GLU A 23 4.97 -11.58 -25.14
CA GLU A 23 5.20 -10.12 -25.06
C GLU A 23 4.61 -9.46 -23.81
N LYS A 24 3.67 -10.13 -23.16
CA LYS A 24 3.02 -9.56 -21.96
C LYS A 24 3.31 -10.39 -20.73
N ALA A 25 4.09 -11.45 -20.87
CA ALA A 25 4.10 -12.44 -19.78
C ALA A 25 5.02 -12.02 -18.62
N GLY A 26 6.16 -11.40 -18.92
CA GLY A 26 7.22 -11.24 -17.91
C GLY A 26 6.87 -10.61 -16.56
N PRO A 27 6.40 -9.36 -16.59
CA PRO A 27 6.08 -8.62 -15.37
C PRO A 27 5.05 -9.30 -14.47
N LEU A 28 4.00 -9.86 -15.07
CA LEU A 28 2.96 -10.50 -14.29
C LEU A 28 3.52 -11.75 -13.64
N GLN A 29 4.32 -12.48 -14.41
CA GLN A 29 4.89 -13.71 -13.92
C GLN A 29 5.86 -13.47 -12.76
N ARG A 30 6.66 -12.40 -12.83
CA ARG A 30 7.56 -12.07 -11.72
C ARG A 30 6.82 -11.58 -10.52
N TYR A 31 5.80 -10.77 -10.75
CA TYR A 31 4.98 -10.25 -9.69
C TYR A 31 4.30 -11.42 -8.94
N ALA A 32 3.75 -12.39 -9.67
CA ALA A 32 3.16 -13.55 -9.00
C ALA A 32 4.22 -14.38 -8.29
N ALA A 33 5.38 -14.57 -8.94
CA ALA A 33 6.42 -15.41 -8.36
C ALA A 33 6.81 -14.82 -7.03
N THR A 34 6.95 -13.50 -7.00
CA THR A 34 7.46 -12.81 -5.80
C THR A 34 6.47 -12.90 -4.64
N ILE A 35 5.19 -12.69 -4.94
CA ILE A 35 4.18 -12.83 -3.90
C ILE A 35 4.15 -14.26 -3.43
N GLN A 36 4.20 -15.23 -4.34
CA GLN A 36 4.10 -16.61 -3.90
C GLN A 36 5.30 -16.93 -3.00
N SER A 37 6.47 -16.46 -3.42
CA SER A 37 7.66 -16.74 -2.67
C SER A 37 7.65 -16.11 -1.27
N GLN A 38 7.25 -14.85 -1.21
CA GLN A 38 7.17 -14.10 0.05
C GLN A 38 6.23 -14.73 1.04
N ARG A 39 5.15 -15.34 0.54
CA ARG A 39 4.23 -16.09 1.39
C ARG A 39 4.71 -17.48 1.75
N GLY A 40 5.75 -17.96 1.08
CA GLY A 40 6.20 -19.32 1.28
C GLY A 40 5.27 -20.39 0.68
N ASP A 41 4.46 -20.01 -0.30
CA ASP A 41 3.51 -20.94 -0.95
C ASP A 41 4.09 -21.57 -2.23
N TYR A 42 5.29 -22.14 -2.12
CA TYR A 42 6.08 -22.52 -3.30
C TYR A 42 5.34 -23.51 -4.18
N ASN A 43 4.47 -24.33 -3.60
CA ASN A 43 3.80 -25.39 -4.37
C ASN A 43 2.40 -25.03 -4.86
N GLY A 44 1.98 -23.79 -4.65
CA GLY A 44 0.63 -23.38 -5.02
C GLY A 44 0.37 -23.40 -6.53
N LYS A 45 -0.86 -23.69 -6.92
CA LYS A 45 -1.30 -23.65 -8.32
C LYS A 45 -2.14 -22.41 -8.64
N VAL A 46 -2.64 -21.75 -7.59
CA VAL A 46 -3.40 -20.51 -7.77
C VAL A 46 -2.91 -19.53 -6.75
N LEU A 47 -3.17 -18.25 -6.97
CA LEU A 47 -2.59 -17.22 -6.08
C LEU A 47 -3.55 -16.05 -5.99
N SER A 48 -4.13 -15.84 -4.82
CA SER A 48 -4.94 -14.63 -4.54
C SER A 48 -4.00 -13.45 -4.48
N ILE A 49 -4.42 -12.26 -4.93
CA ILE A 49 -3.58 -11.05 -4.83
C ILE A 49 -4.40 -9.91 -4.26
N ARG A 50 -3.72 -8.86 -3.79
CA ARG A 50 -4.41 -7.67 -3.28
C ARG A 50 -5.05 -6.85 -4.37
N GLN A 51 -6.17 -6.22 -4.06
CA GLN A 51 -6.72 -5.22 -4.96
C GLN A 51 -5.65 -4.20 -5.35
N ASP A 52 -4.82 -3.75 -4.40
CA ASP A 52 -3.77 -2.77 -4.72
C ASP A 52 -2.81 -3.35 -5.75
N ASP A 53 -2.66 -4.66 -5.77
CA ASP A 53 -1.79 -5.32 -6.75
C ASP A 53 -2.34 -5.22 -8.16
N LEU A 54 -3.65 -5.30 -8.30
CA LEU A 54 -4.24 -5.20 -9.64
C LEU A 54 -4.04 -3.76 -10.13
N ARG A 55 -4.22 -2.78 -9.25
CA ARG A 55 -3.97 -1.39 -9.65
C ARG A 55 -2.49 -1.18 -10.02
N THR A 56 -1.59 -1.83 -9.29
CA THR A 56 -0.16 -1.71 -9.63
C THR A 56 0.11 -2.39 -10.98
N LEU A 57 -0.49 -3.56 -11.20
CA LEU A 57 -0.31 -4.22 -12.49
C LEU A 57 -0.81 -3.36 -13.65
N ALA A 58 -1.92 -2.63 -13.45
CA ALA A 58 -2.46 -1.75 -14.48
C ALA A 58 -1.43 -0.69 -14.84
N VAL A 59 -0.73 -0.16 -13.85
CA VAL A 59 0.36 0.81 -14.12
C VAL A 59 1.49 0.15 -14.92
N ILE A 60 2.01 -0.96 -14.41
CA ILE A 60 3.06 -1.71 -15.11
C ILE A 60 2.71 -1.97 -16.58
N TYR A 61 1.45 -2.37 -16.84
CA TYR A 61 1.01 -2.75 -18.18
C TYR A 61 0.48 -1.56 -18.99
N ASP A 62 0.49 -0.38 -18.37
CA ASP A 62 -0.10 0.82 -18.99
C ASP A 62 -1.46 0.51 -19.60
N GLN A 63 -2.37 -0.03 -18.77
CA GLN A 63 -3.75 -0.26 -19.20
C GLN A 63 -4.72 0.36 -18.24
N SER A 64 -5.91 0.67 -18.71
CA SER A 64 -6.99 0.91 -17.77
C SER A 64 -7.21 -0.36 -16.95
N PRO A 65 -7.46 -0.20 -15.64
CA PRO A 65 -7.74 -1.43 -14.88
C PRO A 65 -8.86 -2.28 -15.49
N SER A 66 -9.91 -1.67 -16.02
CA SER A 66 -10.99 -2.46 -16.63
C SER A 66 -10.48 -3.29 -17.78
N VAL A 67 -9.62 -2.68 -18.60
CA VAL A 67 -9.03 -3.37 -19.74
C VAL A 67 -8.13 -4.48 -19.26
N LEU A 68 -7.23 -4.20 -18.32
CA LEU A 68 -6.33 -5.28 -17.88
C LEU A 68 -7.12 -6.45 -17.23
N THR A 69 -8.14 -6.11 -16.48
CA THR A 69 -8.95 -7.14 -15.85
C THR A 69 -9.54 -8.00 -16.93
N GLU A 70 -10.08 -7.37 -17.96
CA GLU A 70 -10.75 -8.15 -19.00
C GLU A 70 -9.71 -8.97 -19.76
N GLN A 71 -8.50 -8.43 -19.95
CA GLN A 71 -7.44 -9.20 -20.61
C GLN A 71 -7.11 -10.46 -19.85
N LEU A 72 -6.87 -10.29 -18.55
CA LEU A 72 -6.50 -11.41 -17.69
C LEU A 72 -7.62 -12.45 -17.61
N ILE A 73 -8.87 -12.02 -17.60
CA ILE A 73 -9.97 -12.97 -17.70
C ILE A 73 -9.98 -13.73 -19.05
N SER A 74 -9.72 -13.03 -20.14
CA SER A 74 -9.70 -13.65 -21.48
C SER A 74 -8.60 -14.70 -21.67
N TRP A 75 -7.44 -14.44 -21.06
CA TRP A 75 -6.34 -15.39 -20.98
C TRP A 75 -6.58 -16.50 -19.96
N GLY A 76 -7.68 -16.43 -19.22
CA GLY A 76 -8.00 -17.49 -18.27
C GLY A 76 -7.21 -17.40 -16.97
N VAL A 77 -6.51 -16.28 -16.79
CA VAL A 77 -5.66 -16.12 -15.61
C VAL A 77 -6.50 -15.64 -14.42
N LEU A 78 -7.40 -14.69 -14.66
CA LEU A 78 -8.39 -14.31 -13.65
C LEU A 78 -9.74 -14.95 -13.94
N ASP A 79 -10.48 -15.24 -12.88
CA ASP A 79 -11.83 -15.75 -13.01
C ASP A 79 -12.83 -14.59 -13.28
N ALA A 80 -13.96 -14.90 -13.89
CA ALA A 80 -15.03 -13.93 -14.09
C ALA A 80 -15.39 -13.16 -12.81
N ASP A 81 -15.38 -13.87 -11.68
CA ASP A 81 -15.70 -13.29 -10.37
C ASP A 81 -14.84 -12.09 -10.02
N ALA A 82 -13.64 -12.04 -10.59
CA ALA A 82 -12.74 -10.91 -10.35
C ALA A 82 -13.42 -9.58 -10.66
N ARG A 83 -14.33 -9.57 -11.63
CA ARG A 83 -15.11 -8.37 -11.90
C ARG A 83 -15.93 -7.96 -10.67
N LYS B 9 8.43 -9.01 12.04
CA LYS B 9 7.08 -9.43 11.69
C LYS B 9 6.10 -9.31 12.86
N LEU B 10 4.98 -8.64 12.62
CA LEU B 10 3.94 -8.42 13.63
C LEU B 10 2.99 -9.60 13.78
N VAL B 11 3.36 -10.53 14.64
CA VAL B 11 2.52 -11.68 14.99
C VAL B 11 1.89 -11.45 16.36
N LEU B 12 0.57 -11.31 16.38
CA LEU B 12 -0.18 -11.03 17.61
C LEU B 12 -0.72 -12.32 18.23
N ASP B 13 -0.35 -12.57 19.49
CA ASP B 13 -0.85 -13.72 20.25
C ASP B 13 -2.28 -13.40 20.69
N LEU B 14 -3.25 -14.04 20.03
CA LEU B 14 -4.64 -13.74 20.30
C LEU B 14 -5.08 -14.15 21.71
N GLU B 15 -4.54 -15.24 22.23
CA GLU B 15 -4.93 -15.66 23.57
C GLU B 15 -4.49 -14.60 24.56
N ARG B 16 -3.26 -14.11 24.40
CA ARG B 16 -2.77 -13.09 25.30
C ARG B 16 -3.53 -11.78 25.09
N MET B 17 -3.87 -11.46 23.84
CA MET B 17 -4.56 -10.21 23.57
C MET B 17 -5.94 -10.16 24.24
N ALA B 18 -6.63 -11.28 24.24
CA ALA B 18 -7.94 -11.36 24.86
C ALA B 18 -7.86 -11.03 26.35
N HIS B 19 -6.73 -11.32 26.99
CA HIS B 19 -6.64 -11.15 28.44
C HIS B 19 -6.09 -9.79 28.83
N VAL B 20 -5.61 -9.01 27.88
CA VAL B 20 -5.20 -7.64 28.20
C VAL B 20 -6.41 -6.78 28.61
N PRO B 21 -6.30 -6.07 29.75
CA PRO B 21 -7.39 -5.23 30.23
C PRO B 21 -7.99 -4.36 29.12
N GLN B 22 -9.30 -4.44 28.92
CA GLN B 22 -9.98 -3.66 27.89
C GLN B 22 -9.63 -2.18 27.96
N GLU B 23 -9.49 -1.67 29.19
CA GLU B 23 -9.22 -0.26 29.40
C GLU B 23 -7.99 0.22 28.61
N LYS B 24 -7.05 -0.68 28.37
CA LYS B 24 -5.82 -0.34 27.66
C LYS B 24 -5.80 -0.91 26.24
N ALA B 25 -6.32 -2.12 26.06
CA ALA B 25 -6.12 -2.83 24.81
C ALA B 25 -7.35 -2.77 23.90
N GLY B 26 -8.37 -2.03 24.31
CA GLY B 26 -9.63 -1.97 23.59
C GLY B 26 -9.52 -1.57 22.12
N PRO B 27 -8.73 -0.53 21.83
CA PRO B 27 -8.50 -0.14 20.44
C PRO B 27 -7.80 -1.22 19.62
N LEU B 28 -6.79 -1.85 20.19
CA LEU B 28 -6.09 -2.96 19.52
C LEU B 28 -7.04 -4.14 19.27
N GLN B 29 -7.84 -4.49 20.27
CA GLN B 29 -8.76 -5.62 20.16
C GLN B 29 -9.80 -5.37 19.06
N ARG B 30 -10.28 -4.13 19.03
CA ARG B 30 -11.26 -3.72 18.04
C ARG B 30 -10.66 -3.77 16.63
N TYR B 31 -9.42 -3.31 16.50
CA TYR B 31 -8.71 -3.36 15.22
C TYR B 31 -8.52 -4.79 14.74
N ALA B 32 -7.99 -5.65 15.61
CA ALA B 32 -7.80 -7.04 15.26
C ALA B 32 -9.13 -7.68 14.86
N ALA B 33 -10.20 -7.36 15.56
CA ALA B 33 -11.50 -7.95 15.24
C ALA B 33 -11.98 -7.55 13.86
N THR B 34 -11.73 -6.29 13.48
CA THR B 34 -12.13 -5.81 12.16
C THR B 34 -11.33 -6.55 11.08
N ILE B 35 -10.03 -6.71 11.30
CA ILE B 35 -9.21 -7.52 10.42
C ILE B 35 -9.74 -8.95 10.25
N GLN B 36 -10.09 -9.62 11.34
CA GLN B 36 -10.56 -10.99 11.22
C GLN B 36 -11.92 -11.06 10.51
N SER B 37 -12.74 -10.04 10.65
CA SER B 37 -14.03 -10.05 9.95
C SER B 37 -13.79 -9.86 8.43
N GLN B 38 -12.73 -9.14 8.06
CA GLN B 38 -12.43 -8.92 6.63
C GLN B 38 -11.85 -10.17 5.95
N ARG B 39 -11.17 -11.01 6.70
CA ARG B 39 -10.47 -12.14 6.14
C ARG B 39 -11.33 -13.36 5.87
N GLY B 40 -11.07 -14.07 4.78
CA GLY B 40 -11.85 -15.26 4.48
C GLY B 40 -11.32 -16.39 5.33
N ASP B 41 -10.01 -16.36 5.54
CA ASP B 41 -9.33 -17.37 6.35
C ASP B 41 -9.34 -16.94 7.81
N TYR B 42 -9.54 -17.89 8.72
CA TYR B 42 -9.67 -17.54 10.13
C TYR B 42 -8.61 -18.24 10.96
N ASN B 43 -8.03 -17.52 11.91
CA ASN B 43 -7.17 -18.17 12.90
C ASN B 43 -7.46 -17.63 14.28
N GLY B 44 -7.60 -18.53 15.24
CA GLY B 44 -8.08 -18.21 16.57
C GLY B 44 -6.93 -18.02 17.54
N LYS B 45 -5.75 -18.47 17.14
CA LYS B 45 -4.59 -18.47 18.03
C LYS B 45 -3.63 -17.32 17.72
N VAL B 46 -3.28 -17.14 16.45
CA VAL B 46 -2.34 -16.09 16.07
C VAL B 46 -2.86 -15.27 14.89
N LEU B 47 -2.67 -13.96 14.99
CA LEU B 47 -3.01 -13.04 13.93
C LEU B 47 -1.78 -12.26 13.50
N SER B 48 -1.26 -12.59 12.32
CA SER B 48 -0.19 -11.81 11.72
C SER B 48 -0.83 -10.67 10.96
N ILE B 49 -0.33 -9.47 11.12
CA ILE B 49 -0.84 -8.37 10.32
C ILE B 49 0.27 -7.69 9.50
N ARG B 50 -0.17 -6.89 8.53
CA ARG B 50 0.73 -6.09 7.72
C ARG B 50 1.60 -5.15 8.54
N GLN B 51 2.87 -5.05 8.16
CA GLN B 51 3.80 -4.13 8.82
C GLN B 51 3.25 -2.69 8.88
N ASP B 52 2.58 -2.27 7.83
CA ASP B 52 2.03 -0.92 7.75
C ASP B 52 0.87 -0.70 8.73
N ASP B 53 0.17 -1.77 9.08
CA ASP B 53 -0.86 -1.66 10.12
C ASP B 53 -0.31 -1.16 11.47
N LEU B 54 0.98 -1.34 11.72
CA LEU B 54 1.58 -0.75 12.93
C LEU B 54 1.38 0.77 12.92
N ARG B 55 1.53 1.40 11.75
CA ARG B 55 1.29 2.83 11.63
C ARG B 55 -0.17 3.16 11.96
N THR B 56 -1.07 2.32 11.49
CA THR B 56 -2.49 2.53 11.71
C THR B 56 -2.84 2.41 13.19
N LEU B 57 -2.27 1.41 13.86
CA LEU B 57 -2.44 1.27 15.30
C LEU B 57 -1.86 2.46 16.07
N ALA B 58 -0.75 2.99 15.58
CA ALA B 58 -0.10 4.13 16.19
C ALA B 58 -0.99 5.38 16.14
N VAL B 59 -1.63 5.61 15.00
CA VAL B 59 -2.61 6.67 14.87
C VAL B 59 -3.77 6.45 15.82
N ILE B 60 -4.24 5.21 15.91
CA ILE B 60 -5.33 4.88 16.81
C ILE B 60 -4.99 5.16 18.28
N TYR B 61 -3.74 4.89 18.68
CA TYR B 61 -3.35 5.03 20.08
C TYR B 61 -2.70 6.37 20.36
N ASP B 62 -2.55 7.19 19.33
CA ASP B 62 -1.89 8.49 19.46
C ASP B 62 -0.50 8.36 20.09
N GLN B 63 0.25 7.37 19.61
CA GLN B 63 1.62 7.15 20.06
C GLN B 63 2.49 6.95 18.83
N SER B 64 3.80 7.04 19.00
CA SER B 64 4.70 6.75 17.91
C SER B 64 4.70 5.24 17.70
N PRO B 65 5.01 4.81 16.48
CA PRO B 65 5.06 3.37 16.23
C PRO B 65 6.02 2.69 17.21
N SER B 66 7.09 3.39 17.57
CA SER B 66 8.07 2.84 18.49
C SER B 66 7.52 2.68 19.91
N VAL B 67 6.83 3.71 20.42
CA VAL B 67 6.26 3.62 21.76
C VAL B 67 5.23 2.48 21.77
N LEU B 68 4.36 2.46 20.78
CA LEU B 68 3.30 1.47 20.71
C LEU B 68 3.84 0.04 20.70
N THR B 69 4.91 -0.17 19.93
CA THR B 69 5.54 -1.48 19.83
C THR B 69 6.03 -1.95 21.18
N GLU B 70 6.59 -1.03 21.96
CA GLU B 70 7.04 -1.35 23.30
C GLU B 70 5.85 -1.76 24.16
N GLN B 71 4.76 -1.00 24.04
CA GLN B 71 3.52 -1.28 24.75
C GLN B 71 3.04 -2.71 24.49
N LEU B 72 2.99 -3.07 23.22
CA LEU B 72 2.48 -4.38 22.79
C LEU B 72 3.37 -5.50 23.28
N ILE B 73 4.68 -5.25 23.30
CA ILE B 73 5.63 -6.24 23.76
C ILE B 73 5.43 -6.43 25.26
N SER B 74 5.08 -5.33 25.92
CA SER B 74 4.97 -5.32 27.38
C SER B 74 3.76 -6.13 27.81
N TRP B 75 2.68 -6.07 27.03
CA TRP B 75 1.48 -6.87 27.27
C TRP B 75 1.64 -8.31 26.82
N GLY B 76 2.75 -8.63 26.18
CA GLY B 76 2.96 -9.98 25.69
C GLY B 76 2.17 -10.34 24.44
N VAL B 77 1.48 -9.37 23.86
CA VAL B 77 0.78 -9.57 22.58
C VAL B 77 1.80 -9.82 21.46
N LEU B 78 2.91 -9.12 21.53
CA LEU B 78 4.00 -9.28 20.56
C LEU B 78 5.17 -9.95 21.26
N ASP B 79 6.01 -10.64 20.50
CA ASP B 79 7.24 -11.20 21.02
C ASP B 79 8.32 -10.11 21.05
N ALA B 80 9.29 -10.27 21.95
CA ALA B 80 10.27 -9.23 22.20
C ALA B 80 11.12 -8.87 20.97
N ASP B 81 11.06 -9.67 19.93
CA ASP B 81 11.99 -9.45 18.82
C ASP B 81 11.57 -8.35 17.81
N ALA B 82 10.35 -7.89 17.96
CA ALA B 82 9.69 -7.03 16.93
C ALA B 82 10.17 -5.60 16.88
N ARG B 83 11.00 -5.28 17.85
CA ARG B 83 11.48 -3.91 18.03
C ARG B 83 12.15 -3.36 16.76
N LYS C 9 14.55 11.65 -0.87
CA LYS C 9 13.53 11.28 -1.84
C LYS C 9 14.14 10.57 -3.04
N LEU C 10 13.34 9.72 -3.68
CA LEU C 10 13.73 9.08 -4.92
C LEU C 10 13.27 9.98 -6.05
N VAL C 11 14.20 10.75 -6.61
CA VAL C 11 13.86 11.66 -7.69
C VAL C 11 14.54 11.22 -8.98
N LEU C 12 13.72 10.83 -9.95
CA LEU C 12 14.21 10.38 -11.25
C LEU C 12 14.60 11.57 -12.14
N ASP C 13 15.82 11.53 -12.66
CA ASP C 13 16.25 12.46 -13.72
C ASP C 13 15.76 11.87 -15.05
N LEU C 14 14.78 12.51 -15.68
CA LEU C 14 14.14 11.92 -16.87
C LEU C 14 15.04 11.95 -18.10
N GLU C 15 15.80 13.02 -18.29
CA GLU C 15 16.75 13.07 -19.38
C GLU C 15 17.79 11.92 -19.29
N ARG C 16 18.32 11.68 -18.11
CA ARG C 16 19.27 10.56 -17.91
C ARG C 16 18.60 9.21 -18.16
N MET C 17 17.32 9.11 -17.81
CA MET C 17 16.59 7.86 -17.97
C MET C 17 16.63 7.45 -19.43
N ALA C 18 16.71 8.44 -20.32
CA ALA C 18 16.76 8.18 -21.75
C ALA C 18 18.06 7.54 -22.21
N HIS C 19 19.13 7.72 -21.44
CA HIS C 19 20.43 7.19 -21.81
C HIS C 19 20.79 5.93 -21.01
N VAL C 20 19.82 5.42 -20.25
CA VAL C 20 19.93 4.11 -19.62
C VAL C 20 20.19 3.09 -20.72
N PRO C 21 21.09 2.12 -20.46
CA PRO C 21 21.28 1.08 -21.48
C PRO C 21 19.93 0.61 -22.00
N GLN C 22 19.82 0.53 -23.32
CA GLN C 22 18.55 0.29 -23.98
C GLN C 22 18.00 -1.08 -23.66
N GLU C 23 18.89 -2.07 -23.53
CA GLU C 23 18.44 -3.42 -23.31
C GLU C 23 17.70 -3.55 -21.98
N LYS C 24 17.83 -2.56 -21.11
CA LYS C 24 17.17 -2.66 -19.82
C LYS C 24 16.44 -1.40 -19.43
N ALA C 25 16.17 -0.53 -20.38
CA ALA C 25 15.56 0.74 -20.03
C ALA C 25 14.05 0.72 -20.05
N GLY C 26 13.43 -0.20 -20.79
CA GLY C 26 12.01 -0.12 -21.10
C GLY C 26 11.03 -0.08 -19.92
N PRO C 27 11.09 -1.08 -19.04
CA PRO C 27 10.14 -1.09 -17.92
C PRO C 27 10.20 0.16 -17.01
N LEU C 28 11.41 0.64 -16.74
CA LEU C 28 11.59 1.83 -15.93
C LEU C 28 10.98 3.05 -16.62
N GLN C 29 11.33 3.21 -17.89
CA GLN C 29 10.87 4.36 -18.65
C GLN C 29 9.35 4.36 -18.72
N ARG C 30 8.77 3.19 -18.97
CA ARG C 30 7.31 3.13 -19.13
C ARG C 30 6.61 3.31 -17.80
N TYR C 31 7.20 2.79 -16.71
CA TYR C 31 6.59 2.95 -15.40
C TYR C 31 6.55 4.44 -15.04
N ALA C 32 7.67 5.12 -15.25
CA ALA C 32 7.75 6.55 -14.99
C ALA C 32 6.75 7.35 -15.83
N ALA C 33 6.62 6.99 -17.09
CA ALA C 33 5.70 7.70 -17.97
C ALA C 33 4.29 7.54 -17.45
N THR C 34 3.95 6.32 -17.07
CA THR C 34 2.60 6.03 -16.61
C THR C 34 2.31 6.80 -15.31
N ILE C 35 3.24 6.77 -14.35
CA ILE C 35 3.04 7.54 -13.12
C ILE C 35 2.84 9.04 -13.42
N GLN C 36 3.71 9.61 -14.28
CA GLN C 36 3.69 11.04 -14.63
C GLN C 36 2.31 11.46 -15.09
N SER C 37 1.82 10.73 -16.08
CA SER C 37 0.53 10.97 -16.64
C SER C 37 -0.52 10.98 -15.54
N GLN C 38 -0.52 9.95 -14.65
CA GLN C 38 -1.49 9.85 -13.60
C GLN C 38 -1.53 11.20 -12.80
N ARG C 39 -0.46 12.06 -12.82
CA ARG C 39 -0.34 13.35 -12.03
C ARG C 39 -0.54 14.60 -12.84
N GLY C 40 -0.43 14.43 -14.14
CA GLY C 40 -0.59 15.47 -15.07
C GLY C 40 0.60 16.40 -15.07
N ASP C 41 1.75 15.83 -14.87
CA ASP C 41 2.96 16.62 -14.92
C ASP C 41 3.71 16.34 -16.21
N TYR C 42 3.05 16.38 -17.36
CA TYR C 42 3.65 16.02 -18.65
C TYR C 42 4.97 16.74 -19.05
N ASN C 43 5.14 17.97 -18.63
CA ASN C 43 6.32 18.74 -19.02
C ASN C 43 7.54 18.59 -18.11
N GLY C 44 7.41 17.84 -17.04
CA GLY C 44 8.51 17.76 -16.12
C GLY C 44 9.77 17.09 -16.67
N LYS C 45 10.91 17.45 -16.07
CA LYS C 45 12.18 16.86 -16.45
C LYS C 45 12.70 16.00 -15.28
N VAL C 46 12.00 16.05 -14.15
CA VAL C 46 12.24 15.15 -13.03
C VAL C 46 10.92 14.60 -12.52
N LEU C 47 10.99 13.45 -11.86
CA LEU C 47 9.80 12.80 -11.31
C LEU C 47 10.13 12.07 -10.01
N SER C 48 9.54 12.53 -8.93
CA SER C 48 9.70 11.88 -7.64
C SER C 48 8.79 10.67 -7.70
N ILE C 49 9.20 9.55 -7.11
CA ILE C 49 8.34 8.37 -7.07
C ILE C 49 8.24 7.83 -5.65
N ARG C 50 7.23 7.00 -5.40
CA ARG C 50 7.07 6.36 -4.10
C ARG C 50 8.09 5.25 -3.86
N GLN C 51 8.43 5.03 -2.60
CA GLN C 51 9.29 3.92 -2.20
C GLN C 51 8.68 2.61 -2.69
N ASP C 52 7.34 2.52 -2.60
CA ASP C 52 6.57 1.38 -3.11
C ASP C 52 6.80 1.15 -4.60
N ASP C 53 6.97 2.22 -5.36
CA ASP C 53 7.31 2.11 -6.77
C ASP C 53 8.70 1.56 -7.01
N LEU C 54 9.67 1.98 -6.20
CA LEU C 54 11.01 1.41 -6.33
C LEU C 54 10.92 -0.11 -6.07
N ARG C 55 10.14 -0.51 -5.08
CA ARG C 55 10.02 -1.94 -4.78
C ARG C 55 9.31 -2.67 -5.91
N THR C 56 8.32 -2.02 -6.49
CA THR C 56 7.63 -2.63 -7.63
C THR C 56 8.56 -2.78 -8.83
N LEU C 57 9.40 -1.78 -9.09
CA LEU C 57 10.30 -1.84 -10.22
C LEU C 57 11.31 -2.97 -9.98
N ALA C 58 11.67 -3.17 -8.72
CA ALA C 58 12.67 -4.17 -8.35
C ALA C 58 12.08 -5.55 -8.64
N VAL C 59 10.82 -5.74 -8.28
CA VAL C 59 10.12 -6.98 -8.65
C VAL C 59 10.12 -7.21 -10.18
N ILE C 60 9.70 -6.24 -10.98
CA ILE C 60 9.55 -6.53 -12.41
C ILE C 60 10.91 -6.66 -13.11
N TYR C 61 11.96 -6.09 -12.52
CA TYR C 61 13.33 -6.31 -13.03
C TYR C 61 14.05 -7.48 -12.41
N ASP C 62 13.41 -8.15 -11.44
CA ASP C 62 14.06 -9.20 -10.65
C ASP C 62 15.41 -8.74 -10.09
N GLN C 63 15.40 -7.57 -9.47
CA GLN C 63 16.59 -6.99 -8.86
C GLN C 63 16.30 -6.72 -7.41
N SER C 64 17.28 -6.89 -6.55
CA SER C 64 17.15 -6.38 -5.20
C SER C 64 16.99 -4.85 -5.22
N PRO C 65 16.13 -4.30 -4.36
CA PRO C 65 15.95 -2.85 -4.33
C PRO C 65 17.27 -2.09 -4.09
N SER C 66 18.18 -2.62 -3.30
CA SER C 66 19.48 -2.00 -3.09
C SER C 66 20.25 -1.92 -4.39
N VAL C 67 20.18 -3.01 -5.15
CA VAL C 67 20.97 -3.11 -6.36
C VAL C 67 20.37 -2.20 -7.42
N LEU C 68 19.06 -2.28 -7.61
CA LEU C 68 18.38 -1.39 -8.56
C LEU C 68 18.66 0.08 -8.22
N THR C 69 18.57 0.45 -6.94
CA THR C 69 18.87 1.82 -6.55
C THR C 69 20.29 2.19 -6.94
N GLU C 70 21.24 1.29 -6.70
CA GLU C 70 22.63 1.59 -7.04
C GLU C 70 22.85 1.75 -8.55
N GLN C 71 22.14 0.96 -9.34
CA GLN C 71 22.26 1.06 -10.79
C GLN C 71 21.72 2.39 -11.27
N LEU C 72 20.57 2.81 -10.74
CA LEU C 72 19.98 4.07 -11.12
C LEU C 72 20.92 5.23 -10.79
N ILE C 73 21.58 5.12 -9.65
CA ILE C 73 22.54 6.15 -9.26
C ILE C 73 23.74 6.17 -10.21
N SER C 74 24.30 5.02 -10.53
CA SER C 74 25.39 4.94 -11.50
C SER C 74 24.98 5.57 -12.81
N TRP C 75 23.78 5.25 -13.28
CA TRP C 75 23.28 5.80 -14.54
C TRP C 75 22.92 7.28 -14.47
N GLY C 76 23.02 7.88 -13.28
CA GLY C 76 22.66 9.28 -13.12
C GLY C 76 21.18 9.55 -13.06
N VAL C 77 20.38 8.49 -13.04
CA VAL C 77 18.94 8.64 -12.95
C VAL C 77 18.47 8.98 -11.54
N LEU C 78 19.07 8.36 -10.53
CA LEU C 78 18.85 8.76 -9.15
C LEU C 78 20.10 9.48 -8.65
N ASP C 79 19.96 10.34 -7.66
CA ASP C 79 21.14 10.95 -7.04
C ASP C 79 21.55 10.15 -5.80
N ALA C 80 22.77 10.41 -5.33
CA ALA C 80 23.37 9.66 -4.21
C ALA C 80 22.50 9.61 -2.96
N ASP C 81 21.70 10.63 -2.73
CA ASP C 81 20.88 10.68 -1.52
C ASP C 81 19.74 9.67 -1.59
N ALA C 82 19.43 9.19 -2.79
CA ALA C 82 18.45 8.11 -2.92
C ALA C 82 18.83 6.93 -2.05
N ARG C 83 20.12 6.76 -1.73
CA ARG C 83 20.52 5.69 -0.82
C ARG C 83 19.80 5.75 0.54
N LYS D 9 -12.21 13.32 -6.19
CA LYS D 9 -10.92 13.32 -5.50
C LYS D 9 -11.09 13.76 -4.04
N LEU D 10 -10.32 13.14 -3.14
CA LEU D 10 -10.53 13.31 -1.70
C LEU D 10 -9.68 14.44 -1.17
N VAL D 11 -10.35 15.52 -0.77
CA VAL D 11 -9.66 16.69 -0.30
C VAL D 11 -10.29 17.13 1.02
N LEU D 12 -9.45 17.21 2.05
CA LEU D 12 -9.91 17.53 3.39
C LEU D 12 -9.81 19.03 3.61
N ASP D 13 -10.90 19.63 4.06
CA ASP D 13 -10.88 21.04 4.46
C ASP D 13 -10.30 21.11 5.87
N LEU D 14 -9.05 21.57 5.97
CA LEU D 14 -8.34 21.61 7.26
C LEU D 14 -8.98 22.58 8.24
N GLU D 15 -9.59 23.64 7.74
CA GLU D 15 -10.17 24.63 8.65
C GLU D 15 -11.35 23.99 9.37
N ARG D 16 -12.21 23.31 8.61
CA ARG D 16 -13.39 22.66 9.19
C ARG D 16 -12.99 21.47 10.05
N MET D 17 -11.98 20.74 9.62
CA MET D 17 -11.58 19.55 10.34
C MET D 17 -11.08 19.97 11.71
N ALA D 18 -10.45 21.13 11.77
CA ALA D 18 -9.89 21.66 13.02
C ALA D 18 -10.98 22.01 14.04
N HIS D 19 -12.21 22.17 13.58
CA HIS D 19 -13.32 22.52 14.45
C HIS D 19 -14.28 21.37 14.76
N VAL D 20 -14.18 20.26 14.04
CA VAL D 20 -15.08 19.14 14.30
C VAL D 20 -14.86 18.62 15.72
N PRO D 21 -15.96 18.40 16.46
CA PRO D 21 -15.91 17.92 17.85
C PRO D 21 -14.83 16.88 18.07
N GLN D 22 -14.01 17.10 19.09
CA GLN D 22 -12.84 16.25 19.34
C GLN D 22 -13.18 14.76 19.28
N GLU D 23 -14.15 14.34 20.07
CA GLU D 23 -14.43 12.91 20.25
C GLU D 23 -14.96 12.26 18.97
N LYS D 24 -15.31 13.07 17.99
CA LYS D 24 -15.79 12.55 16.72
C LYS D 24 -14.66 12.38 15.70
N ALA D 25 -13.90 13.44 15.46
CA ALA D 25 -12.90 13.47 14.39
C ALA D 25 -11.51 13.02 14.85
N GLY D 26 -11.37 12.72 16.13
CA GLY D 26 -10.08 12.36 16.70
C GLY D 26 -9.15 11.60 15.78
N PRO D 27 -9.51 10.36 15.44
CA PRO D 27 -8.67 9.53 14.58
C PRO D 27 -8.39 10.18 13.23
N LEU D 28 -9.39 10.84 12.67
CA LEU D 28 -9.21 11.54 11.39
C LEU D 28 -8.16 12.64 11.56
N GLN D 29 -8.31 13.45 12.59
CA GLN D 29 -7.35 14.54 12.82
C GLN D 29 -5.91 14.04 12.99
N ARG D 30 -5.74 12.96 13.75
CA ARG D 30 -4.40 12.44 13.94
C ARG D 30 -3.85 11.82 12.66
N TYR D 31 -4.71 11.20 11.85
CA TYR D 31 -4.24 10.56 10.64
C TYR D 31 -3.73 11.63 9.68
N ALA D 32 -4.51 12.70 9.55
CA ALA D 32 -4.12 13.76 8.65
C ALA D 32 -2.81 14.37 9.14
N ALA D 33 -2.64 14.44 10.45
CA ALA D 33 -1.46 15.08 11.02
C ALA D 33 -0.22 14.24 10.73
N THR D 34 -0.35 12.92 10.70
CA THR D 34 0.82 12.11 10.39
C THR D 34 1.21 12.31 8.93
N ILE D 35 0.22 12.46 8.07
CA ILE D 35 0.49 12.69 6.66
C ILE D 35 1.22 14.01 6.50
N GLN D 36 0.79 15.04 7.23
CA GLN D 36 1.42 16.35 7.09
C GLN D 36 2.84 16.32 7.69
N SER D 37 3.06 15.47 8.68
CA SER D 37 4.40 15.31 9.27
C SER D 37 5.41 14.74 8.24
N GLN D 38 4.94 13.94 7.33
CA GLN D 38 5.82 13.20 6.42
C GLN D 38 6.02 13.93 5.08
N ARG D 39 5.01 14.67 4.64
CA ARG D 39 5.09 15.35 3.34
C ARG D 39 6.04 16.53 3.41
N GLY D 40 6.87 16.69 2.38
CA GLY D 40 7.79 17.81 2.35
C GLY D 40 7.02 19.07 2.01
N ASP D 41 6.00 18.91 1.17
CA ASP D 41 5.16 20.01 0.75
C ASP D 41 4.08 20.26 1.78
N TYR D 42 3.97 21.50 2.27
CA TYR D 42 3.01 21.81 3.32
C TYR D 42 1.88 22.68 2.79
N ASN D 43 0.65 22.24 3.03
CA ASN D 43 -0.53 23.04 2.71
C ASN D 43 -1.37 23.18 3.96
N GLY D 44 -1.60 24.42 4.37
CA GLY D 44 -2.29 24.68 5.62
C GLY D 44 -3.79 24.81 5.50
N LYS D 45 -4.31 24.77 4.28
CA LYS D 45 -5.72 24.97 4.01
C LYS D 45 -6.45 23.68 3.64
N VAL D 46 -5.88 22.93 2.70
CA VAL D 46 -6.50 21.70 2.24
C VAL D 46 -5.49 20.55 2.12
N LEU D 47 -5.95 19.35 2.40
CA LEU D 47 -5.08 18.19 2.32
C LEU D 47 -5.72 17.11 1.45
N SER D 48 -5.17 16.91 0.25
CA SER D 48 -5.58 15.79 -0.61
C SER D 48 -4.93 14.53 -0.05
N ILE D 49 -5.67 13.43 0.00
CA ILE D 49 -5.14 12.19 0.53
C ILE D 49 -5.42 11.05 -0.44
N ARG D 50 -4.62 10.01 -0.34
CA ARG D 50 -4.76 8.83 -1.18
C ARG D 50 -6.08 8.07 -0.92
N GLN D 51 -6.55 7.36 -1.94
CA GLN D 51 -7.75 6.55 -1.76
C GLN D 51 -7.51 5.49 -0.70
N ASP D 52 -6.30 4.95 -0.70
CA ASP D 52 -5.87 3.95 0.27
C ASP D 52 -6.12 4.47 1.67
N ASP D 53 -5.91 5.78 1.85
CA ASP D 53 -6.08 6.41 3.16
C ASP D 53 -7.54 6.37 3.58
N LEU D 54 -8.47 6.51 2.64
CA LEU D 54 -9.87 6.46 3.01
C LEU D 54 -10.22 5.06 3.55
N ARG D 55 -9.72 4.02 2.92
CA ARG D 55 -10.09 2.67 3.34
C ARG D 55 -9.51 2.38 4.71
N THR D 56 -8.30 2.88 4.94
CA THR D 56 -7.66 2.68 6.22
C THR D 56 -8.46 3.39 7.32
N LEU D 57 -8.84 4.64 7.06
CA LEU D 57 -9.61 5.42 8.02
C LEU D 57 -10.92 4.73 8.34
N ALA D 58 -11.50 4.05 7.36
CA ALA D 58 -12.77 3.37 7.54
C ALA D 58 -12.58 2.18 8.48
N VAL D 59 -11.50 1.43 8.27
CA VAL D 59 -11.16 0.36 9.19
C VAL D 59 -10.96 0.92 10.59
N ILE D 60 -10.30 2.06 10.70
CA ILE D 60 -10.12 2.75 11.97
C ILE D 60 -11.46 3.10 12.61
N TYR D 61 -12.41 3.57 11.81
CA TYR D 61 -13.68 4.03 12.33
C TYR D 61 -14.71 2.90 12.41
N ASP D 62 -14.26 1.68 12.18
CA ASP D 62 -15.11 0.52 12.44
C ASP D 62 -16.37 0.58 11.59
N GLN D 63 -16.29 1.28 10.46
CA GLN D 63 -17.43 1.39 9.55
C GLN D 63 -16.94 1.33 8.11
N SER D 64 -17.86 1.47 7.16
CA SER D 64 -17.52 1.26 5.77
C SER D 64 -17.19 2.58 5.07
N PRO D 65 -16.47 2.51 3.94
CA PRO D 65 -16.08 3.70 3.20
C PRO D 65 -17.26 4.59 2.82
N SER D 66 -18.40 3.99 2.55
CA SER D 66 -19.59 4.75 2.20
C SER D 66 -20.14 5.47 3.43
N VAL D 67 -20.17 4.76 4.56
CA VAL D 67 -20.72 5.34 5.79
C VAL D 67 -19.75 6.38 6.35
N LEU D 68 -18.46 6.20 6.06
CA LEU D 68 -17.43 7.11 6.55
C LEU D 68 -17.51 8.39 5.74
N THR D 69 -17.49 8.25 4.41
CA THR D 69 -17.56 9.40 3.53
C THR D 69 -18.76 10.27 3.87
N GLU D 70 -19.89 9.65 4.18
CA GLU D 70 -21.11 10.38 4.47
C GLU D 70 -20.99 11.14 5.78
N GLN D 71 -20.23 10.58 6.71
CA GLN D 71 -19.99 11.25 7.98
C GLN D 71 -19.07 12.44 7.71
N LEU D 72 -17.97 12.21 6.99
CA LEU D 72 -17.03 13.28 6.64
C LEU D 72 -17.73 14.39 5.87
N ILE D 73 -18.77 14.04 5.12
CA ILE D 73 -19.50 15.05 4.36
C ILE D 73 -20.40 15.82 5.30
N SER D 74 -20.96 15.13 6.28
CA SER D 74 -21.79 15.76 7.30
C SER D 74 -20.99 16.86 7.98
N TRP D 75 -19.74 16.56 8.33
CA TRP D 75 -18.90 17.47 9.08
C TRP D 75 -18.35 18.60 8.23
N GLY D 76 -18.55 18.51 6.91
CA GLY D 76 -18.07 19.53 6.00
C GLY D 76 -16.57 19.42 5.73
N VAL D 77 -15.97 18.30 6.16
CA VAL D 77 -14.56 18.04 5.90
C VAL D 77 -14.34 17.61 4.44
N LEU D 78 -15.31 16.89 3.88
CA LEU D 78 -15.30 16.56 2.46
C LEU D 78 -16.43 17.29 1.75
N ASP D 79 -16.29 17.47 0.44
CA ASP D 79 -17.35 18.09 -0.35
C ASP D 79 -18.45 17.04 -0.62
P1 C2E E . -6.77 -7.62 -0.49
O2P C2E E . -7.22 -7.14 -1.85
O1P C2E E . -5.77 -6.69 0.10
O5' C2E E . -6.20 -9.04 -0.54
C5' C2E E . -6.89 -9.99 -1.22
C4' C2E E . -6.54 -11.40 -0.79
O4' C2E E . -5.17 -11.68 -1.02
C3' C2E E . -6.74 -11.63 0.71
O3' C2E E . -8.09 -11.98 1.01
C2' C2E E . -5.91 -12.78 0.73
O2' C2E E . -6.35 -14.09 0.40
C1' C2E E . -4.70 -12.51 0.00
N9 C2E E . -3.58 -11.68 0.57
C8 C2E E . -3.29 -10.40 0.41
N7 C2E E . -2.24 -10.09 1.01
C5 C2E E . -1.70 -11.15 1.62
C6 C2E E . -0.58 -11.44 2.38
O6 C2E E . 0.30 -10.52 2.73
N1 C2E E . -0.40 -12.72 2.83
C2 C2E E . -1.27 -13.72 2.51
N2 C2E E . -0.99 -15.06 3.02
N3 C2E E . -2.38 -13.53 1.80
C4 C2E E . -2.57 -12.27 1.34
P11 C2E E . -8.54 -11.90 2.56
O21 C2E E . -9.92 -12.49 2.45
O11 C2E E . -7.54 -12.62 3.36
O5A C2E E . -8.61 -10.41 2.95
C5A C2E E . -9.57 -9.62 2.27
C4A C2E E . -9.26 -8.15 2.33
O4A C2E E . -9.25 -7.71 3.75
C3A C2E E . -7.93 -7.76 1.78
O3A C2E E . -8.09 -7.59 0.42
C2A C2E E . -7.63 -6.52 2.55
O2A C2E E . -8.29 -5.40 2.11
C1A C2E E . -8.20 -6.82 3.92
N91 C2E E . -7.24 -7.39 4.84
C81 C2E E . -7.08 -8.63 5.23
N71 C2E E . -6.12 -8.77 6.03
C51 C2E E . -5.50 -7.64 6.32
C61 C2E E . -4.43 -7.15 7.11
O61 C2E E . -3.68 -7.91 7.87
N11 C2E E . -4.14 -5.82 7.07
C21 C2E E . -4.86 -4.99 6.32
N21 C2E E . -4.58 -3.61 6.27
N31 C2E E . -5.89 -5.36 5.54
C41 C2E E . -6.22 -6.66 5.53
H5'1 C2E E . -6.70 -9.91 -2.18
H5'2 C2E E . -7.85 -9.86 -1.07
H4' C2E E . -7.10 -12.04 -1.29
H3' C2E E . -6.40 -10.91 1.27
H2' C2E E . -5.63 -12.86 1.65
HO2' C2E E . -6.09 -14.65 1.02
H1' C2E E . -4.35 -13.34 -0.38
H8 C2E E . -3.82 -9.76 -0.09
HN1 C2E E . 0.31 -12.90 3.35
HN21 C2E E . -1.56 -15.75 2.84
HN22 C2E E . -0.24 -15.21 3.52
HO21 C2E E . -10.04 -13.10 3.08
H511 C2E E . -10.44 -9.78 2.68
H512 C2E E . -9.60 -9.90 1.34
H4A C2E E . -9.97 -7.66 1.86
H3A C2E E . -7.27 -8.44 1.97
H2A C2E E . -6.67 -6.35 2.59
HO2A C2E E . -7.73 -4.71 2.08
H1A C2E E . -8.55 -5.99 4.31
H81 C2E E . -7.64 -9.36 4.92
HN11 C2E E . -3.45 -5.49 7.57
HN24 C2E E . -3.89 -3.26 6.75
HN23 C2E E . -5.08 -3.05 5.74
P1 C2E F . 3.12 -7.83 5.21
O2P C2E F . 3.88 -6.96 6.15
O1P C2E F . 2.34 -7.02 4.24
O5' C2E F . 2.10 -8.82 5.89
C5' C2E F . 2.65 -9.61 6.88
C4' C2E F . 1.69 -10.77 6.94
O4' C2E F . 0.44 -10.49 7.41
C3' C2E F . 1.64 -11.80 5.88
O3' C2E F . 2.73 -12.67 5.87
C2' C2E F . 0.43 -12.46 6.21
O2' C2E F . 0.56 -13.48 7.25
C1' C2E F . -0.40 -11.42 6.80
N9 C2E F . -1.26 -10.63 5.86
C8 C2E F . -1.08 -9.41 5.35
N7 C2E F . -2.05 -9.08 4.62
C5 C2E F . -2.95 -10.04 4.53
C6 C2E F . -4.17 -10.25 3.92
O6 C2E F . -4.75 -9.32 3.12
N1 C2E F . -4.84 -11.41 4.11
C2 C2E F . -4.30 -12.42 4.88
N2 C2E F . -5.05 -13.66 5.04
N3 C2E F . -3.13 -12.27 5.54
C4 C2E F . -2.46 -11.11 5.38
P11 C2E F . 3.17 -13.36 4.54
O21 C2E F . 4.29 -14.34 4.82
O11 C2E F . 1.93 -13.99 4.00
O5A C2E F . 3.63 -12.24 3.52
C5A C2E F . 4.89 -11.68 3.78
C4A C2E F . 4.83 -10.40 3.00
O4A C2E F . 5.05 -10.62 1.60
C3A C2E F . 3.89 -9.32 3.32
O3A C2E F . 4.27 -8.60 4.49
C2A C2E F . 3.97 -8.57 2.04
O2A C2E F . 4.97 -7.63 2.06
C1A C2E F . 4.27 -9.63 1.00
N91 C2E F . 3.11 -10.25 0.41
C81 C2E F . 2.51 -11.38 0.66
N71 C2E F . 1.53 -11.53 -0.09
C51 C2E F . 1.26 -10.50 -0.87
C61 C2E F . 0.35 -10.10 -1.86
O61 C2E F . -0.67 -10.82 -2.23
N11 C2E F . 0.53 -8.93 -2.47
C21 C2E F . 1.53 -8.07 -2.12
N21 C2E F . 1.65 -6.80 -2.80
N31 C2E F . 2.46 -8.37 -1.19
C41 C2E F . 2.31 -9.58 -0.57
H5'1 C2E F . 3.54 -9.91 6.63
H5'2 C2E F . 2.66 -9.14 7.73
H4' C2E F . 2.07 -11.28 7.67
H3' C2E F . 1.56 -11.37 5.01
H2' C2E F . 0.00 -12.83 5.42
HO2' C2E F . 0.03 -14.17 7.06
H1' C2E F . -0.97 -11.83 7.48
H8 C2E F . -0.31 -8.85 5.51
HN1 C2E F . -5.65 -11.54 3.72
HN21 C2E F . -4.72 -14.33 5.56
HN22 C2E F . -5.85 -13.77 4.61
HO21 C2E F . 3.98 -15.17 4.75
H511 C2E F . 5.00 -11.51 4.73
H512 C2E F . 5.60 -12.26 3.45
H4A C2E F . 3.98 -10.81 2.79
H3A C2E F . 2.99 -9.67 3.45
H2A C2E F . 3.12 -8.13 1.84
HO2A C2E F . 4.81 -7.02 1.44
H1A C2E F . 3.72 -10.01 1.69
H81 C2E F . 2.79 -12.02 1.34
HN11 C2E F . -0.05 -8.69 -3.14
HN24 C2E F . 2.33 -6.23 -2.58
HN23 C2E F . 1.05 -6.56 -3.43
P1 C2E G . -4.06 8.71 -4.95
O2P C2E G . -5.41 8.22 -4.62
O1P C2E G . -3.00 7.76 -4.50
O5' C2E G . -3.68 10.11 -4.32
C5' C2E G . -4.58 11.12 -4.59
C4' C2E G . -3.77 12.37 -4.41
O4' C2E G . -3.36 12.63 -3.13
C3' C2E G . -2.75 12.78 -5.39
O3' C2E G . -3.27 13.27 -6.59
C2' C2E G . -2.06 13.78 -4.65
O2' C2E G . -2.69 15.10 -4.69
C1' C2E G . -2.17 13.35 -3.27
N9 C2E G . -1.09 12.44 -2.76
C8 C2E G . -1.09 11.11 -2.57
N7 C2E G . -0.01 10.73 -2.09
C5 C2E G . 0.86 11.72 -1.94
C6 C2E G . 2.14 11.91 -1.47
O6 C2E G . 2.91 10.89 -1.02
N1 C2E G . 2.67 13.15 -1.42
C2 C2E G . 1.98 14.24 -1.89
N2 C2E G . 2.61 15.56 -1.85
N3 C2E G . 0.69 14.14 -2.33
C4 C2E G . 0.13 12.92 -2.36
P11 C2E G . -2.44 13.15 -7.89
O21 C2E G . -3.16 13.86 -9.03
O11 C2E G . -1.09 13.73 -7.58
O5A C2E G . -2.22 11.62 -8.24
C5A C2E G . -3.34 10.96 -8.75
C4A C2E G . -3.01 9.53 -8.51
O4A C2E G . -2.08 9.01 -9.49
C3A C2E G . -2.86 8.95 -7.16
O3A C2E G . -4.11 8.78 -6.51
C2A C2E G . -2.13 7.71 -7.52
O2A C2E G . -2.99 6.68 -7.80
C1A C2E G . -1.35 8.08 -8.77
N91 C2E G . -0.03 8.62 -8.50
C81 C2E G . 0.41 9.84 -8.48
N71 C2E G . 1.62 9.86 -8.22
C51 C2E G . 2.16 8.68 -7.96
C61 C2E G . 3.39 8.10 -7.60
O61 C2E G . 4.48 8.78 -7.40
N11 C2E G . 3.48 6.78 -7.50
C21 C2E G . 2.40 5.96 -7.65
N21 C2E G . 2.54 4.53 -7.49
N31 C2E G . 1.17 6.42 -7.98
C41 C2E G . 1.06 7.79 -8.14
H5'1 C2E G . -4.93 11.05 -5.50
H5'2 C2E G . -5.32 11.10 -3.95
H4' C2E G . -4.45 13.04 -4.54
H3' C2E G . -2.15 12.03 -5.58
H2' C2E G . -1.13 13.84 -4.92
HO2' C2E G . -2.06 15.73 -4.77
H1' C2E G . -2.21 14.14 -2.70
H8 C2E G . -1.82 10.52 -2.79
HN1 C2E G . 3.52 13.27 -1.09
HN21 C2E G . 2.15 16.29 -2.15
HN22 C2E G . 3.46 15.65 -1.54
HO21 C2E G . -2.68 14.56 -9.30
H511 C2E G . -4.15 11.21 -8.27
H512 C2E G . -3.44 11.14 -9.71
H4A C2E G . -3.84 9.10 -8.80
H3A C2E G . -2.29 9.53 -6.62
H2A C2E G . -1.52 7.45 -6.80
HO2A C2E G . -2.66 5.92 -7.48
H1A C2E G . -1.25 7.28 -9.32
H81 C2E G . -0.13 10.63 -8.65
HN11 C2E G . 4.29 6.40 -7.31
HN24 C2E G . 3.35 4.18 -7.27
HN23 C2E G . 1.82 3.98 -7.59
P1 C2E H . 6.59 7.95 -0.67
O2P C2E H . 7.77 7.00 -0.82
O1P C2E H . 5.30 7.20 -0.67
O5' C2E H . 6.59 9.03 -1.76
C5' C2E H . 7.75 9.68 -2.04
C4' C2E H . 7.53 11.00 -2.72
O4' C2E H . 6.86 10.86 -3.96
C3' C2E H . 6.63 11.95 -1.91
O3' C2E H . 7.38 12.68 -0.94
C2' C2E H . 6.34 12.76 -3.04
O2' C2E H . 7.17 13.83 -3.48
C1' C2E H . 6.01 11.95 -4.16
N9 C2E H . 4.69 11.25 -4.30
C8 C2E H . 4.30 10.01 -4.01
N7 C2E H . 3.13 9.80 -4.32
C5 C2E H . 2.57 10.87 -4.89
C6 C2E H . 1.36 11.26 -5.44
O6 C2E H . 0.31 10.43 -5.48
N1 C2E H . 1.21 12.51 -5.93
C2 C2E H . 2.24 13.41 -5.92
N2 C2E H . 2.00 14.74 -6.48
N3 C2E H . 3.43 13.15 -5.38
C4 C2E H . 3.62 11.90 -4.92
P11 C2E H . 6.54 13.43 0.22
O21 C2E H . 7.65 14.17 0.89
O11 C2E H . 5.47 14.20 -0.43
O5A C2E H . 5.96 12.34 1.15
C5A C2E H . 6.89 11.55 1.85
C4A C2E H . 6.32 10.24 2.34
O4A C2E H . 5.18 10.53 3.26
C3A C2E H . 5.75 9.37 1.28
O3A C2E H . 6.79 8.63 0.77
C2A C2E H . 4.72 8.60 2.02
O2A C2E H . 5.22 7.58 2.78
C1A C2E H . 4.17 9.62 3.00
N91 C2E H . 3.01 10.33 2.50
C81 C2E H . 2.91 11.53 2.02
N71 C2E H . 1.73 11.84 1.68
C51 C2E H . 0.86 10.87 1.89
C61 C2E H . -0.52 10.58 1.75
O61 C2E H . -1.39 11.43 1.24
N11 C2E H . -0.99 9.36 2.12
C21 C2E H . -0.15 8.45 2.64
N21 C2E H . -0.62 7.18 3.04
N31 C2E H . 1.16 8.63 2.82
C41 C2E H . 1.68 9.81 2.46
H5'1 C2E H . 8.29 9.11 -2.63
H5'2 C2E H . 8.24 9.82 -1.21
H4' C2E H . 6.70 10.54 -2.55
H3' C2E H . 5.83 11.51 -1.55
H2' C2E H . 5.51 13.21 -2.80
HO2' C2E H . 6.68 14.55 -3.61
H1' C2E H . 6.24 12.40 -5.00
H8 C2E H . 4.88 9.35 -3.59
HN1 C2E H . 0.41 12.76 -6.28
HN21 C2E H . 1.19 14.94 -6.84
HN22 C2E H . 2.66 15.37 -6.48
HO21 C2E H . 7.40 15.01 1.04
H511 C2E H . 7.20 12.07 2.63
H512 C2E H . 7.65 11.36 1.28
H4A C2E H . 7.01 9.76 2.83
H3A C2E H . 5.34 9.91 0.57
H2A C2E H . 4.02 8.27 1.42
HO2A C2E H . 4.71 6.85 2.68
H1A C2E H . 3.93 9.16 3.84
H81 C2E H . 3.66 12.15 1.93
HN11 C2E H . -1.86 9.16 2.01
HN24 C2E H . -0.05 6.57 3.39
HN23 C2E H . -1.51 6.96 2.94
#